data_3BY4
#
_entry.id   3BY4
#
_cell.length_a   46.304
_cell.length_b   73.215
_cell.length_c   88.880
_cell.angle_alpha   90.000
_cell.angle_beta   90.000
_cell.angle_gamma   90.000
#
_symmetry.space_group_name_H-M   'P 21 21 21'
#
loop_
_entity.id
_entity.type
_entity.pdbx_description
1 polymer 'Ubiquitin thioesterase OTU1'
2 polymer Ubiquitin
3 non-polymer 3-AMINOPROPANE
4 water water
#
loop_
_entity_poly.entity_id
_entity_poly.type
_entity_poly.pdbx_seq_one_letter_code
_entity_poly.pdbx_strand_id
1 'polypeptide(L)'
;MKRVLKSTEMSIGGSGENVLSVHPVLDDNSCLFHAIAYGIFKQDSVRDLREMVSKEVLNNPVKFNDAILDKPNKDYAQWI
LKMESWGGAIEIGIISDALAVAIYVVDIDAVKIEKFNEDKFDNYILILFNGIHYDSLTMNEFKTVFNKNQPESDDVLTAA
LQLASNLKQTGYSFNTHKAQIKCNTCQMTFVGEREVARHAESTGHVDFGQNR
;
A
2 'polypeptide(L)' MQIFVKTLTGKTITLEVEPSDTIENVKAKIQDKEGIPPDQQRLIFAGKQLEDGRTLSDYNIQKESTLHLVLRLRG B
#
loop_
_chem_comp.id
_chem_comp.type
_chem_comp.name
_chem_comp.formula
3CN non-polymer 3-AMINOPROPANE 'C3 H9 N'
#
# COMPACT_ATOMS: atom_id res chain seq x y z
N ARG A 3 -5.49 -29.85 -16.58
CA ARG A 3 -5.37 -28.77 -15.60
C ARG A 3 -5.59 -27.41 -16.26
N VAL A 4 -6.81 -26.90 -16.15
CA VAL A 4 -7.14 -25.61 -16.71
C VAL A 4 -7.19 -24.56 -15.61
N LEU A 5 -6.57 -23.40 -15.86
CA LEU A 5 -6.51 -22.34 -14.85
C LEU A 5 -7.72 -21.41 -14.89
N LYS A 6 -8.22 -21.07 -13.72
CA LYS A 6 -9.34 -20.13 -13.63
C LYS A 6 -8.86 -18.69 -13.73
N SER A 7 -9.82 -17.78 -13.88
CA SER A 7 -9.50 -16.37 -14.08
C SER A 7 -8.76 -15.78 -12.88
N THR A 8 -8.91 -16.42 -11.73
CA THR A 8 -8.28 -15.94 -10.50
C THR A 8 -6.97 -16.66 -10.20
N GLU A 9 -6.47 -17.38 -11.20
CA GLU A 9 -5.23 -18.16 -11.05
C GLU A 9 -4.19 -17.75 -12.11
N MET A 10 -2.92 -17.90 -11.75
CA MET A 10 -1.82 -17.60 -12.67
C MET A 10 -0.66 -18.52 -12.37
N SER A 11 -0.15 -19.20 -13.39
CA SER A 11 1.01 -20.06 -13.16
C SER A 11 2.26 -19.21 -12.92
N ILE A 12 3.17 -19.76 -12.12
CA ILE A 12 4.36 -19.03 -11.71
C ILE A 12 5.57 -19.53 -12.50
N GLY A 13 6.26 -18.59 -13.13
CA GLY A 13 7.47 -18.93 -13.88
C GLY A 13 7.23 -19.65 -15.18
N GLY A 14 8.33 -20.03 -15.84
CA GLY A 14 8.26 -20.69 -17.13
C GLY A 14 7.67 -22.08 -17.05
N SER A 15 7.91 -22.77 -15.94
CA SER A 15 7.45 -24.14 -15.77
C SER A 15 5.97 -24.22 -15.38
N GLY A 16 5.49 -23.22 -14.65
CA GLY A 16 4.10 -23.19 -14.24
C GLY A 16 3.72 -24.32 -13.29
N GLU A 17 4.71 -24.92 -12.65
CA GLU A 17 4.44 -26.00 -11.69
C GLU A 17 3.67 -25.50 -10.46
N ASN A 18 4.02 -24.30 -9.99
CA ASN A 18 3.28 -23.68 -8.90
C ASN A 18 2.29 -22.65 -9.43
N VAL A 19 1.22 -22.42 -8.68
CA VAL A 19 0.13 -21.55 -9.14
C VAL A 19 -0.19 -20.50 -8.09
N LEU A 20 -0.32 -19.25 -8.53
CA LEU A 20 -0.71 -18.16 -7.65
C LEU A 20 -2.22 -17.97 -7.78
N SER A 21 -2.92 -17.80 -6.67
CA SER A 21 -4.37 -17.67 -6.75
C SER A 21 -4.93 -16.69 -5.73
N VAL A 22 -6.12 -16.19 -6.01
CA VAL A 22 -6.81 -15.32 -5.07
C VAL A 22 -7.46 -16.17 -3.98
N HIS A 23 -7.24 -15.75 -2.73
CA HIS A 23 -7.89 -16.33 -1.56
C HIS A 23 -8.87 -15.31 -0.98
N PRO A 24 -10.16 -15.49 -1.24
CA PRO A 24 -11.17 -14.48 -0.84
C PRO A 24 -11.33 -14.39 0.67
N VAL A 25 -11.50 -13.19 1.20
CA VAL A 25 -11.84 -13.03 2.62
C VAL A 25 -13.24 -12.42 2.75
N LEU A 26 -13.77 -12.41 3.97
CA LEU A 26 -15.11 -11.89 4.22
C LEU A 26 -15.25 -10.47 3.67
N ASP A 27 -16.31 -10.23 2.91
CA ASP A 27 -16.52 -8.92 2.31
C ASP A 27 -17.26 -7.99 3.27
N ASP A 28 -16.70 -7.80 4.45
CA ASP A 28 -17.22 -6.83 5.40
C ASP A 28 -16.30 -5.62 5.40
N ASN A 29 -16.59 -4.64 6.24
CA ASN A 29 -15.80 -3.39 6.24
C ASN A 29 -14.38 -3.57 6.77
N SER A 30 -14.04 -4.79 7.19
CA SER A 30 -12.74 -5.08 7.78
C SER A 30 -11.85 -5.93 6.87
N CYS A 31 -12.19 -5.98 5.58
CA CYS A 31 -11.50 -6.90 4.68
C CYS A 31 -9.97 -6.72 4.65
N LEU A 32 -9.49 -5.49 4.78
CA LEU A 32 -8.04 -5.28 4.79
C LEU A 32 -7.42 -6.09 5.92
N PHE A 33 -8.03 -5.99 7.10
CA PHE A 33 -7.53 -6.70 8.27
C PHE A 33 -7.63 -8.21 8.13
N HIS A 34 -8.75 -8.69 7.59
CA HIS A 34 -8.91 -10.13 7.32
C HIS A 34 -7.82 -10.64 6.39
N ALA A 35 -7.54 -9.88 5.34
CA ALA A 35 -6.54 -10.29 4.34
C ALA A 35 -5.13 -10.38 4.92
N ILE A 36 -4.76 -9.36 5.71
CA ILE A 36 -3.46 -9.35 6.37
C ILE A 36 -3.34 -10.45 7.42
N ALA A 37 -4.38 -10.61 8.24
CA ALA A 37 -4.37 -11.66 9.27
C ALA A 37 -4.24 -13.04 8.65
N TYR A 38 -4.96 -13.28 7.56
CA TYR A 38 -4.85 -14.58 6.93
C TYR A 38 -3.43 -14.78 6.39
N GLY A 39 -2.90 -13.79 5.69
CA GLY A 39 -1.57 -13.93 5.10
C GLY A 39 -0.47 -14.16 6.13
N ILE A 40 -0.52 -13.43 7.24
CA ILE A 40 0.54 -13.53 8.24
C ILE A 40 0.31 -14.64 9.29
N PHE A 41 -0.91 -14.72 9.83
CA PHE A 41 -1.23 -15.65 10.92
C PHE A 41 -1.87 -16.95 10.47
N LYS A 42 -2.43 -16.97 9.26
CA LYS A 42 -3.32 -18.04 8.84
C LYS A 42 -4.43 -18.20 9.87
N GLN A 43 -4.82 -17.09 10.48
CA GLN A 43 -5.94 -17.08 11.43
C GLN A 43 -6.50 -15.67 11.53
N ASP A 44 -7.83 -15.57 11.51
CA ASP A 44 -8.45 -14.26 11.47
C ASP A 44 -8.13 -13.43 12.70
N SER A 45 -8.02 -12.12 12.47
CA SER A 45 -7.86 -11.15 13.53
C SER A 45 -8.28 -9.81 12.95
N VAL A 46 -9.20 -9.13 13.63
CA VAL A 46 -9.51 -7.76 13.25
C VAL A 46 -9.29 -6.81 14.43
N ARG A 47 -9.93 -7.10 15.55
CA ARG A 47 -9.90 -6.21 16.70
C ARG A 47 -8.48 -5.91 17.18
N ASP A 48 -7.65 -6.93 17.31
CA ASP A 48 -6.27 -6.72 17.77
C ASP A 48 -5.51 -5.81 16.81
N LEU A 49 -5.73 -6.02 15.50
CA LEU A 49 -5.05 -5.22 14.50
C LEU A 49 -5.50 -3.76 14.54
N ARG A 50 -6.81 -3.53 14.67
CA ARG A 50 -7.31 -2.16 14.80
C ARG A 50 -6.79 -1.48 16.07
N GLU A 51 -6.74 -2.24 17.16
CA GLU A 51 -6.22 -1.68 18.42
C GLU A 51 -4.73 -1.34 18.31
N MET A 52 -3.98 -2.18 17.61
CA MET A 52 -2.57 -1.93 17.39
C MET A 52 -2.35 -0.62 16.62
N VAL A 53 -3.15 -0.40 15.60
CA VAL A 53 -3.06 0.81 14.81
C VAL A 53 -3.43 2.04 15.65
N SER A 54 -4.54 1.94 16.38
CA SER A 54 -5.01 3.02 17.25
C SER A 54 -3.92 3.43 18.23
N LYS A 55 -3.33 2.43 18.89
CA LYS A 55 -2.27 2.66 19.88
C LYS A 55 -1.03 3.31 19.26
N GLU A 56 -0.61 2.85 18.08
CA GLU A 56 0.57 3.42 17.42
C GLU A 56 0.34 4.89 17.04
N VAL A 57 -0.85 5.18 16.52
CA VAL A 57 -1.19 6.57 16.17
C VAL A 57 -1.17 7.47 17.40
N LEU A 58 -1.86 7.05 18.48
CA LEU A 58 -1.91 7.83 19.71
C LEU A 58 -0.53 8.09 20.28
N ASN A 59 0.33 7.07 20.22
CA ASN A 59 1.65 7.13 20.84
C ASN A 59 2.68 7.88 20.00
N ASN A 60 2.31 8.19 18.75
CA ASN A 60 3.22 8.89 17.85
C ASN A 60 2.57 10.06 17.10
N PRO A 61 2.22 11.13 17.84
CA PRO A 61 1.48 12.28 17.32
C PRO A 61 2.33 13.17 16.42
N VAL A 62 3.65 13.04 16.52
CA VAL A 62 4.51 13.82 15.66
C VAL A 62 4.55 13.19 14.27
N LYS A 63 4.74 11.87 14.22
CA LYS A 63 4.74 11.17 12.95
C LYS A 63 3.33 11.11 12.34
N PHE A 64 2.36 10.77 13.16
CA PHE A 64 0.98 10.68 12.68
C PHE A 64 0.20 11.92 13.11
N ASN A 65 0.62 13.06 12.58
CA ASN A 65 -0.03 14.32 12.87
C ASN A 65 -1.32 14.50 12.08
N ASP A 66 -2.08 15.54 12.40
CA ASP A 66 -3.39 15.75 11.80
C ASP A 66 -3.33 15.85 10.28
N ALA A 67 -2.29 16.49 9.77
CA ALA A 67 -2.12 16.64 8.32
C ALA A 67 -1.87 15.28 7.65
N ILE A 68 -0.99 14.49 8.25
CA ILE A 68 -0.69 13.15 7.75
C ILE A 68 -1.94 12.28 7.71
N LEU A 69 -2.77 12.38 8.73
CA LEU A 69 -3.93 11.51 8.90
C LEU A 69 -5.17 12.04 8.18
N ASP A 70 -5.15 13.32 7.84
CA ASP A 70 -6.30 14.02 7.28
C ASP A 70 -7.46 14.11 8.27
N LYS A 71 -7.12 14.10 9.55
CA LYS A 71 -8.07 14.35 10.63
C LYS A 71 -7.27 14.38 11.93
N PRO A 72 -7.84 14.98 12.99
CA PRO A 72 -7.05 15.05 14.22
C PRO A 72 -6.59 13.68 14.72
N ASN A 73 -5.38 13.63 15.24
CA ASN A 73 -4.79 12.40 15.75
C ASN A 73 -5.69 11.62 16.71
N LYS A 74 -6.22 12.28 17.72
CA LYS A 74 -7.07 11.62 18.71
C LYS A 74 -8.34 11.08 18.06
N ASP A 75 -8.88 11.83 17.10
CA ASP A 75 -10.07 11.40 16.38
C ASP A 75 -9.81 10.19 15.50
N TYR A 76 -8.66 10.16 14.84
CA TYR A 76 -8.30 9.03 13.97
C TYR A 76 -8.15 7.76 14.80
N ALA A 77 -7.52 7.90 15.96
CA ALA A 77 -7.30 6.75 16.84
C ALA A 77 -8.59 6.10 17.29
N GLN A 78 -9.64 6.91 17.51
CA GLN A 78 -10.94 6.33 17.86
C GLN A 78 -11.64 5.80 16.61
N TRP A 79 -11.51 6.51 15.51
CA TRP A 79 -12.17 6.15 14.26
C TRP A 79 -11.76 4.77 13.75
N ILE A 80 -10.47 4.46 13.83
CA ILE A 80 -9.98 3.19 13.30
C ILE A 80 -10.45 2.00 14.14
N LEU A 81 -10.96 2.28 15.34
CA LEU A 81 -11.48 1.22 16.21
C LEU A 81 -12.85 0.71 15.77
N LYS A 82 -13.59 1.56 15.05
CA LYS A 82 -14.92 1.22 14.57
C LYS A 82 -14.84 0.09 13.54
N MET A 83 -15.71 -0.90 13.64
CA MET A 83 -15.64 -2.00 12.70
C MET A 83 -15.99 -1.59 11.29
N GLU A 84 -16.65 -0.44 11.14
CA GLU A 84 -17.06 0.03 9.82
C GLU A 84 -15.97 0.84 9.10
N SER A 85 -14.91 1.19 9.81
CA SER A 85 -13.87 2.04 9.22
C SER A 85 -12.90 1.25 8.33
N TRP A 86 -12.80 1.66 7.06
CA TRP A 86 -11.93 0.96 6.11
C TRP A 86 -10.45 1.23 6.38
N GLY A 87 -9.67 0.17 6.53
CA GLY A 87 -8.22 0.30 6.63
C GLY A 87 -7.58 0.65 5.29
N GLY A 88 -6.44 1.33 5.33
CA GLY A 88 -5.72 1.68 4.11
C GLY A 88 -4.21 1.64 4.31
N ALA A 89 -3.48 2.42 3.51
CA ALA A 89 -2.03 2.45 3.57
C ALA A 89 -1.47 2.79 4.96
N ILE A 90 -2.15 3.68 5.69
CA ILE A 90 -1.69 4.02 7.03
C ILE A 90 -1.67 2.79 7.93
N GLU A 91 -2.75 2.02 7.90
CA GLU A 91 -2.85 0.78 8.67
C GLU A 91 -1.82 -0.24 8.20
N ILE A 92 -1.66 -0.37 6.89
CA ILE A 92 -0.73 -1.35 6.32
C ILE A 92 0.69 -1.12 6.81
N GLY A 93 1.14 0.12 6.73
CA GLY A 93 2.48 0.48 7.20
C GLY A 93 2.71 0.16 8.66
N ILE A 94 1.75 0.52 9.50
CA ILE A 94 1.85 0.28 10.94
C ILE A 94 1.87 -1.21 11.28
N ILE A 95 0.98 -1.96 10.65
CA ILE A 95 0.86 -3.39 10.92
C ILE A 95 2.11 -4.12 10.43
N SER A 96 2.59 -3.73 9.26
CA SER A 96 3.81 -4.27 8.70
C SER A 96 4.99 -4.09 9.67
N ASP A 97 5.16 -2.87 10.16
CA ASP A 97 6.23 -2.58 11.11
C ASP A 97 6.10 -3.45 12.35
N ALA A 98 4.88 -3.58 12.86
CA ALA A 98 4.61 -4.28 14.11
C ALA A 98 4.86 -5.77 14.04
N LEU A 99 4.54 -6.38 12.89
CA LEU A 99 4.63 -7.82 12.74
C LEU A 99 5.91 -8.26 12.00
N ALA A 100 6.74 -7.30 11.60
CA ALA A 100 8.01 -7.59 10.93
C ALA A 100 7.85 -8.43 9.66
N VAL A 101 6.83 -8.10 8.88
CA VAL A 101 6.65 -8.69 7.56
C VAL A 101 6.28 -7.56 6.59
N ALA A 102 6.93 -7.52 5.44
CA ALA A 102 6.59 -6.52 4.44
C ALA A 102 5.23 -6.87 3.86
N ILE A 103 4.49 -5.85 3.44
CA ILE A 103 3.19 -6.09 2.83
C ILE A 103 3.18 -5.47 1.44
N TYR A 104 2.94 -6.30 0.43
CA TYR A 104 2.94 -5.84 -0.96
C TYR A 104 1.50 -5.78 -1.42
N VAL A 105 1.04 -4.59 -1.80
CA VAL A 105 -0.32 -4.44 -2.29
C VAL A 105 -0.32 -4.58 -3.80
N VAL A 106 -1.02 -5.61 -4.30
CA VAL A 106 -1.17 -5.80 -5.72
C VAL A 106 -2.40 -5.02 -6.18
N ASP A 107 -2.16 -3.91 -6.88
CA ASP A 107 -3.20 -2.96 -7.24
C ASP A 107 -3.74 -3.26 -8.63
N ILE A 108 -4.96 -3.79 -8.70
CA ILE A 108 -5.50 -4.26 -9.97
C ILE A 108 -5.67 -3.15 -11.00
N ASP A 109 -6.29 -2.05 -10.59
CA ASP A 109 -6.58 -0.97 -11.53
C ASP A 109 -5.31 -0.35 -12.08
N ALA A 110 -4.29 -0.23 -11.24
CA ALA A 110 -3.02 0.36 -11.67
C ALA A 110 -2.11 -0.63 -12.38
N VAL A 111 -2.35 -1.92 -12.12
CA VAL A 111 -1.41 -2.97 -12.53
C VAL A 111 0.00 -2.63 -12.02
N LYS A 112 0.09 -2.42 -10.71
CA LYS A 112 1.36 -2.09 -10.05
C LYS A 112 1.36 -2.74 -8.68
N ILE A 113 2.57 -2.95 -8.13
CA ILE A 113 2.66 -3.40 -6.75
C ILE A 113 3.17 -2.27 -5.87
N GLU A 114 2.37 -1.91 -4.87
CA GLU A 114 2.77 -0.92 -3.87
C GLU A 114 3.36 -1.65 -2.68
N LYS A 115 4.66 -1.49 -2.48
CA LYS A 115 5.36 -2.23 -1.43
C LYS A 115 5.51 -1.41 -0.17
N PHE A 116 5.27 -2.06 0.97
CA PHE A 116 5.45 -1.44 2.28
C PHE A 116 6.51 -2.21 3.04
N ASN A 117 7.60 -1.51 3.39
CA ASN A 117 8.68 -2.06 4.20
C ASN A 117 9.49 -3.14 3.50
N GLU A 118 9.56 -3.08 2.18
CA GLU A 118 10.32 -4.06 1.42
C GLU A 118 11.80 -3.99 1.74
N ASP A 119 12.26 -2.83 2.19
CA ASP A 119 13.66 -2.60 2.54
C ASP A 119 14.02 -3.00 3.98
N LYS A 120 13.00 -3.21 4.81
CA LYS A 120 13.21 -3.58 6.21
C LYS A 120 13.14 -5.09 6.41
N PHE A 121 12.17 -5.72 5.76
CA PHE A 121 11.89 -7.13 5.98
C PHE A 121 11.97 -7.89 4.67
N ASP A 122 12.66 -9.03 4.70
CA ASP A 122 12.80 -9.87 3.51
C ASP A 122 11.53 -10.68 3.27
N ASN A 123 10.86 -11.05 4.35
CA ASN A 123 9.61 -11.80 4.25
C ASN A 123 8.48 -10.86 3.86
N TYR A 124 7.60 -11.31 2.97
CA TYR A 124 6.47 -10.49 2.55
C TYR A 124 5.19 -11.28 2.29
N ILE A 125 4.06 -10.61 2.42
CA ILE A 125 2.79 -11.17 1.97
C ILE A 125 2.28 -10.33 0.80
N LEU A 126 1.36 -10.91 0.05
CA LEU A 126 0.71 -10.22 -1.05
C LEU A 126 -0.77 -10.09 -0.77
N ILE A 127 -1.28 -8.86 -0.84
CA ILE A 127 -2.71 -8.63 -0.75
C ILE A 127 -3.20 -7.94 -2.03
N LEU A 128 -4.38 -8.34 -2.48
CA LEU A 128 -4.92 -7.91 -3.76
C LEU A 128 -5.96 -6.81 -3.55
N PHE A 129 -5.78 -5.66 -4.20
CA PHE A 129 -6.64 -4.51 -4.00
C PHE A 129 -7.36 -4.19 -5.29
N ASN A 130 -8.69 -4.20 -5.26
CA ASN A 130 -9.47 -3.93 -6.46
C ASN A 130 -10.06 -2.53 -6.48
N GLY A 131 -9.65 -1.69 -5.53
CA GLY A 131 -10.15 -0.32 -5.46
C GLY A 131 -11.08 -0.08 -4.28
N ILE A 132 -11.78 -1.13 -3.85
CA ILE A 132 -12.71 -1.02 -2.71
C ILE A 132 -12.65 -2.22 -1.78
N HIS A 133 -11.75 -3.16 -2.06
CA HIS A 133 -11.76 -4.44 -1.37
C HIS A 133 -10.39 -5.10 -1.42
N TYR A 134 -10.07 -5.88 -0.39
CA TYR A 134 -8.81 -6.63 -0.31
C TYR A 134 -9.06 -8.13 -0.21
N ASP A 135 -8.25 -8.90 -0.91
CA ASP A 135 -8.16 -10.36 -0.75
C ASP A 135 -6.69 -10.73 -0.52
N SER A 136 -6.44 -12.00 -0.24
CA SER A 136 -5.09 -12.49 -0.05
C SER A 136 -4.67 -13.24 -1.32
N LEU A 137 -3.36 -13.30 -1.60
CA LEU A 137 -2.85 -14.13 -2.69
C LEU A 137 -2.03 -15.25 -2.11
N THR A 138 -2.24 -16.46 -2.63
CA THR A 138 -1.57 -17.65 -2.10
C THR A 138 -0.93 -18.45 -3.21
N MET A 139 0.13 -19.19 -2.87
CA MET A 139 0.74 -20.13 -3.80
C MET A 139 0.30 -21.56 -3.46
N ASN A 140 -0.17 -22.28 -4.48
CA ASN A 140 -0.63 -23.65 -4.29
C ASN A 140 -1.68 -23.77 -3.20
N GLU A 141 -2.55 -22.77 -3.16
CA GLU A 141 -3.69 -22.72 -2.23
C GLU A 141 -3.30 -22.80 -0.76
N PHE A 142 -2.06 -22.40 -0.43
CA PHE A 142 -1.59 -22.49 0.95
C PHE A 142 -0.55 -21.44 1.33
N LYS A 143 0.54 -21.36 0.57
CA LYS A 143 1.65 -20.50 0.97
C LYS A 143 1.31 -19.02 0.81
N THR A 144 1.48 -18.25 1.89
CA THR A 144 1.22 -16.82 1.84
C THR A 144 2.43 -15.94 2.17
N VAL A 145 3.40 -16.50 2.89
CA VAL A 145 4.59 -15.72 3.25
C VAL A 145 5.76 -16.08 2.35
N PHE A 146 6.22 -15.11 1.58
CA PHE A 146 7.32 -15.29 0.64
C PHE A 146 8.56 -14.57 1.15
N ASN A 147 9.72 -14.88 0.56
CA ASN A 147 10.95 -14.17 0.90
C ASN A 147 11.64 -13.64 -0.35
N LYS A 148 11.96 -12.36 -0.37
CA LYS A 148 12.38 -11.71 -1.61
C LYS A 148 13.73 -12.19 -2.13
N ASN A 149 14.47 -12.92 -1.29
CA ASN A 149 15.78 -13.42 -1.69
C ASN A 149 15.76 -14.90 -2.06
N GLN A 150 14.58 -15.50 -2.11
CA GLN A 150 14.44 -16.88 -2.59
C GLN A 150 14.33 -16.89 -4.11
N PRO A 151 14.90 -17.92 -4.74
CA PRO A 151 15.00 -17.95 -6.20
C PRO A 151 13.69 -17.66 -6.94
N GLU A 152 12.55 -18.10 -6.41
CA GLU A 152 11.28 -17.97 -7.14
C GLU A 152 10.56 -16.66 -6.89
N SER A 153 11.11 -15.80 -6.05
CA SER A 153 10.40 -14.58 -5.66
C SER A 153 10.09 -13.66 -6.85
N ASP A 154 11.07 -13.44 -7.74
CA ASP A 154 10.81 -12.63 -8.92
C ASP A 154 9.63 -13.18 -9.72
N ASP A 155 9.60 -14.49 -9.92
CA ASP A 155 8.52 -15.13 -10.68
C ASP A 155 7.16 -14.97 -9.98
N VAL A 156 7.17 -15.04 -8.65
CA VAL A 156 5.95 -14.82 -7.88
C VAL A 156 5.40 -13.42 -8.13
N LEU A 157 6.28 -12.42 -8.09
CA LEU A 157 5.85 -11.04 -8.30
C LEU A 157 5.40 -10.81 -9.74
N THR A 158 6.09 -11.43 -10.69
CA THR A 158 5.67 -11.36 -12.08
C THR A 158 4.27 -11.93 -12.29
N ALA A 159 4.00 -13.08 -11.68
CA ALA A 159 2.68 -13.71 -11.75
C ALA A 159 1.61 -12.84 -11.09
N ALA A 160 1.95 -12.20 -9.96
CA ALA A 160 0.99 -11.35 -9.27
C ALA A 160 0.57 -10.19 -10.17
N LEU A 161 1.55 -9.59 -10.84
CA LEU A 161 1.26 -8.51 -11.78
C LEU A 161 0.45 -8.98 -12.99
N GLN A 162 0.77 -10.15 -13.52
CA GLN A 162 0.02 -10.66 -14.66
C GLN A 162 -1.41 -11.01 -14.24
N LEU A 163 -1.57 -11.55 -13.04
CA LEU A 163 -2.90 -11.82 -12.50
C LEU A 163 -3.71 -10.52 -12.37
N ALA A 164 -3.07 -9.48 -11.83
CA ALA A 164 -3.73 -8.19 -11.69
C ALA A 164 -4.17 -7.64 -13.05
N SER A 165 -3.29 -7.74 -14.04
CA SER A 165 -3.62 -7.30 -15.39
C SER A 165 -4.82 -8.05 -15.95
N ASN A 166 -4.84 -9.37 -15.77
CA ASN A 166 -5.93 -10.17 -16.29
C ASN A 166 -7.24 -9.79 -15.62
N LEU A 167 -7.19 -9.60 -14.30
CA LEU A 167 -8.39 -9.22 -13.55
C LEU A 167 -8.88 -7.84 -13.98
N LYS A 168 -7.96 -6.90 -14.21
CA LYS A 168 -8.37 -5.59 -14.68
C LYS A 168 -9.08 -5.73 -16.01
N GLN A 169 -8.53 -6.58 -16.88
CA GLN A 169 -9.07 -6.76 -18.22
C GLN A 169 -10.41 -7.50 -18.27
N THR A 170 -10.71 -8.27 -17.22
CA THR A 170 -11.94 -9.05 -17.20
C THR A 170 -13.00 -8.47 -16.25
N GLY A 171 -12.83 -7.20 -15.90
CA GLY A 171 -13.82 -6.48 -15.13
C GLY A 171 -13.88 -6.88 -13.67
N TYR A 172 -12.81 -6.55 -12.95
CA TYR A 172 -12.72 -6.93 -11.53
C TYR A 172 -12.26 -5.78 -10.64
N SER A 173 -11.89 -4.64 -11.23
CA SER A 173 -11.45 -3.50 -10.44
C SER A 173 -12.49 -2.39 -10.38
N PHE A 174 -12.45 -1.62 -9.29
CA PHE A 174 -13.42 -0.55 -9.06
C PHE A 174 -12.73 0.75 -8.67
N MET B 1 16.03 21.54 -9.51
CA MET B 1 16.46 21.42 -8.13
C MET B 1 16.04 20.07 -7.55
N GLN B 2 16.41 19.83 -6.30
CA GLN B 2 16.04 18.59 -5.63
C GLN B 2 15.09 18.85 -4.47
N ILE B 3 14.02 18.07 -4.42
CA ILE B 3 13.20 17.98 -3.23
C ILE B 3 13.18 16.53 -2.79
N PHE B 4 12.88 16.29 -1.53
CA PHE B 4 12.79 14.93 -1.03
C PHE B 4 11.33 14.61 -0.73
N VAL B 5 10.99 13.33 -0.84
CA VAL B 5 9.65 12.89 -0.48
C VAL B 5 9.76 11.69 0.45
N LYS B 6 9.32 11.85 1.68
CA LYS B 6 9.42 10.79 2.68
C LYS B 6 8.09 10.06 2.86
N THR B 7 8.16 8.73 2.97
CA THR B 7 6.98 7.92 3.20
C THR B 7 6.87 7.57 4.69
N LEU B 8 5.73 7.01 5.09
CA LEU B 8 5.50 6.64 6.48
C LEU B 8 6.26 5.39 6.90
N THR B 9 6.82 4.68 5.94
CA THR B 9 7.61 3.50 6.26
C THR B 9 9.08 3.88 6.42
N GLY B 10 9.36 5.18 6.34
CA GLY B 10 10.68 5.71 6.61
C GLY B 10 11.54 5.94 5.38
N LYS B 11 11.10 5.41 4.25
CA LYS B 11 11.86 5.54 3.00
C LYS B 11 11.79 6.98 2.48
N THR B 12 12.88 7.42 1.84
CA THR B 12 12.90 8.74 1.23
C THR B 12 13.08 8.65 -0.29
N ILE B 13 12.41 9.53 -1.02
CA ILE B 13 12.41 9.53 -2.47
C ILE B 13 12.89 10.87 -3.02
N THR B 14 13.99 10.85 -3.77
CA THR B 14 14.55 12.08 -4.31
C THR B 14 13.88 12.45 -5.63
N LEU B 15 13.54 13.73 -5.77
CA LEU B 15 12.90 14.22 -6.98
C LEU B 15 13.66 15.39 -7.58
N GLU B 16 13.80 15.40 -8.90
CA GLU B 16 14.31 16.56 -9.61
C GLU B 16 13.13 17.37 -10.13
N VAL B 17 12.99 18.59 -9.63
CA VAL B 17 11.85 19.43 -10.00
C VAL B 17 12.24 20.89 -10.26
N GLU B 18 11.37 21.61 -10.95
CA GLU B 18 11.51 23.04 -11.15
C GLU B 18 10.41 23.74 -10.35
N PRO B 19 10.72 24.93 -9.79
CA PRO B 19 9.73 25.70 -9.04
C PRO B 19 8.41 25.87 -9.79
N SER B 20 8.45 25.66 -11.10
CA SER B 20 7.27 25.82 -11.95
C SER B 20 6.33 24.62 -11.91
N ASP B 21 6.78 23.54 -11.30
CA ASP B 21 6.02 22.30 -11.29
C ASP B 21 4.76 22.35 -10.43
N THR B 22 3.67 21.80 -10.96
CA THR B 22 2.43 21.69 -10.21
C THR B 22 2.46 20.43 -9.36
N ILE B 23 1.64 20.39 -8.32
CA ILE B 23 1.55 19.21 -7.46
C ILE B 23 1.23 17.97 -8.29
N GLU B 24 0.38 18.14 -9.29
CA GLU B 24 0.04 17.06 -10.21
C GLU B 24 1.30 16.51 -10.86
N ASN B 25 2.08 17.42 -11.45
CA ASN B 25 3.36 17.04 -12.06
C ASN B 25 4.22 16.24 -11.09
N VAL B 26 4.29 16.70 -9.84
CA VAL B 26 5.09 16.03 -8.84
C VAL B 26 4.60 14.59 -8.58
N LYS B 27 3.29 14.43 -8.47
CA LYS B 27 2.72 13.10 -8.27
C LYS B 27 3.02 12.21 -9.47
N ALA B 28 3.10 12.82 -10.64
CA ALA B 28 3.43 12.09 -11.86
C ALA B 28 4.88 11.63 -11.86
N LYS B 29 5.74 12.41 -11.22
CA LYS B 29 7.16 12.06 -11.10
C LYS B 29 7.33 10.95 -10.08
N ILE B 30 6.52 11.00 -9.03
CA ILE B 30 6.52 9.97 -8.02
C ILE B 30 6.02 8.66 -8.63
N GLN B 31 5.05 8.76 -9.53
CA GLN B 31 4.56 7.58 -10.24
C GLN B 31 5.64 6.99 -11.15
N ASP B 32 6.47 7.85 -11.73
CA ASP B 32 7.55 7.40 -12.61
C ASP B 32 8.58 6.58 -11.83
N LYS B 33 9.00 7.12 -10.69
CA LYS B 33 10.02 6.47 -9.88
C LYS B 33 9.49 5.25 -9.12
N GLU B 34 8.22 5.32 -8.72
CA GLU B 34 7.68 4.33 -7.76
C GLU B 34 6.47 3.55 -8.27
N GLY B 35 5.87 3.99 -9.36
CA GLY B 35 4.73 3.31 -9.94
C GLY B 35 3.42 3.54 -9.19
N ILE B 36 3.45 4.44 -8.21
CA ILE B 36 2.26 4.77 -7.44
C ILE B 36 1.33 5.69 -8.23
N PRO B 37 0.09 5.24 -8.46
CA PRO B 37 -0.85 6.10 -9.20
C PRO B 37 -1.13 7.39 -8.43
N PRO B 38 -1.16 8.53 -9.13
CA PRO B 38 -1.41 9.82 -8.50
C PRO B 38 -2.70 9.87 -7.67
N ASP B 39 -3.75 9.17 -8.09
CA ASP B 39 -5.02 9.23 -7.37
C ASP B 39 -4.96 8.56 -5.99
N GLN B 40 -3.90 7.80 -5.73
CA GLN B 40 -3.70 7.18 -4.42
C GLN B 40 -2.71 7.98 -3.57
N GLN B 41 -2.17 9.06 -4.14
CA GLN B 41 -1.14 9.85 -3.46
C GLN B 41 -1.70 11.08 -2.76
N ARG B 42 -1.29 11.27 -1.51
CA ARG B 42 -1.51 12.54 -0.81
C ARG B 42 -0.15 13.15 -0.46
N LEU B 43 0.04 14.42 -0.80
CA LEU B 43 1.28 15.09 -0.45
C LEU B 43 1.04 16.16 0.60
N ILE B 44 1.94 16.20 1.58
CA ILE B 44 1.84 17.12 2.71
C ILE B 44 3.14 17.89 2.84
N PHE B 45 3.02 19.20 3.06
CA PHE B 45 4.17 20.06 3.30
C PHE B 45 3.83 21.06 4.38
N ALA B 46 4.74 21.25 5.33
CA ALA B 46 4.57 22.25 6.39
C ALA B 46 3.21 22.13 7.07
N GLY B 47 2.70 20.91 7.19
CA GLY B 47 1.45 20.67 7.88
C GLY B 47 0.22 20.97 7.04
N LYS B 48 0.41 21.15 5.74
CA LYS B 48 -0.71 21.43 4.84
C LYS B 48 -0.81 20.37 3.75
N GLN B 49 -2.03 20.00 3.41
CA GLN B 49 -2.24 19.11 2.27
C GLN B 49 -2.10 19.91 0.98
N LEU B 50 -1.37 19.35 0.02
CA LEU B 50 -1.12 20.06 -1.23
C LEU B 50 -2.21 19.75 -2.27
N GLU B 51 -2.65 20.77 -2.98
CA GLU B 51 -3.78 20.63 -3.89
C GLU B 51 -3.35 20.57 -5.36
N ASP B 52 -4.03 19.73 -6.12
CA ASP B 52 -3.62 19.38 -7.49
C ASP B 52 -3.23 20.54 -8.39
N GLY B 53 -3.97 21.64 -8.31
CA GLY B 53 -3.82 22.72 -9.26
C GLY B 53 -2.72 23.73 -9.01
N ARG B 54 -2.13 23.69 -7.83
CA ARG B 54 -1.14 24.69 -7.45
C ARG B 54 0.29 24.25 -7.75
N THR B 55 1.23 25.19 -7.67
CA THR B 55 2.63 24.91 -7.95
C THR B 55 3.44 24.80 -6.66
N LEU B 56 4.65 24.25 -6.76
CA LEU B 56 5.54 24.17 -5.62
C LEU B 56 5.82 25.59 -5.11
N SER B 57 6.01 26.50 -6.07
CA SER B 57 6.27 27.90 -5.75
C SER B 57 5.16 28.51 -4.88
N ASP B 58 3.94 28.01 -5.04
CA ASP B 58 2.80 28.51 -4.26
C ASP B 58 2.91 28.18 -2.78
N TYR B 59 3.58 27.07 -2.46
CA TYR B 59 3.71 26.62 -1.08
C TYR B 59 5.08 26.89 -0.47
N ASN B 60 5.92 27.65 -1.17
CA ASN B 60 7.27 27.96 -0.70
C ASN B 60 8.18 26.73 -0.69
N ILE B 61 7.92 25.80 -1.62
CA ILE B 61 8.79 24.63 -1.77
C ILE B 61 10.08 25.03 -2.44
N GLN B 62 11.19 24.83 -1.76
CA GLN B 62 12.49 25.23 -2.30
C GLN B 62 13.55 24.15 -2.17
N LYS B 63 14.81 24.58 -2.13
CA LYS B 63 15.96 23.68 -2.07
C LYS B 63 15.86 22.67 -0.93
N GLU B 64 16.05 21.40 -1.26
CA GLU B 64 16.07 20.32 -0.29
C GLU B 64 14.85 20.31 0.66
N SER B 65 13.75 20.91 0.21
CA SER B 65 12.51 20.82 0.97
C SER B 65 12.05 19.37 1.04
N THR B 66 11.42 19.00 2.15
CA THR B 66 10.94 17.64 2.34
C THR B 66 9.42 17.59 2.35
N LEU B 67 8.86 16.81 1.43
CA LEU B 67 7.42 16.57 1.40
C LEU B 67 7.15 15.24 2.02
N HIS B 68 5.94 15.06 2.52
CA HIS B 68 5.54 13.78 3.06
C HIS B 68 4.47 13.17 2.17
N LEU B 69 4.71 11.93 1.76
CA LEU B 69 3.77 11.21 0.92
C LEU B 69 3.00 10.22 1.78
N VAL B 70 1.68 10.28 1.70
CA VAL B 70 0.81 9.34 2.38
C VAL B 70 -0.11 8.75 1.33
N LEU B 71 -0.27 7.43 1.33
CA LEU B 71 -1.14 6.80 0.34
C LEU B 71 -2.54 6.61 0.89
N ARG B 72 -3.50 6.42 -0.01
CA ARG B 72 -4.88 6.17 0.38
C ARG B 72 -5.09 4.66 0.50
N LEU B 73 -5.42 4.01 -0.62
CA LEU B 73 -5.55 2.55 -0.66
C LEU B 73 -6.55 1.99 0.36
N ARG B 74 -7.64 2.71 0.62
CA ARG B 74 -8.63 2.19 1.55
C ARG B 74 -9.57 1.17 0.90
N GLY B 75 -9.78 0.05 1.59
CA GLY B 75 -10.70 -0.97 1.12
C GLY B 75 -11.41 -1.58 2.30
CA 3CN C . -13.60 -4.79 1.91
CB 3CN C . -14.36 -3.67 2.56
CC 3CN C . -13.38 -2.64 3.13
ND 3CN C . -12.64 -2.04 2.04
#